data_4ORM
#
_entry.id   4ORM
#
_cell.length_a   85.471
_cell.length_b   85.471
_cell.length_c   138.275
_cell.angle_alpha   90.00
_cell.angle_beta   90.00
_cell.angle_gamma   120.00
#
_symmetry.space_group_name_H-M   'P 64'
#
loop_
_entity.id
_entity.type
_entity.pdbx_description
1 polymer 'Dihydroorotate dehydrogenase (quinone), mitochondrial'
2 non-polymer N-[3,5-difluoro-4-(trifluoromethyl)phenyl]-5-methyl-2-(trifluoromethyl)[1,2,4]triazolo[1,5-a]pyrimidin-7-amine
3 non-polymer 'FLAVIN MONONUCLEOTIDE'
4 non-polymer 'OROTIC ACID'
5 non-polymer GLYCEROL
6 non-polymer 'SULFATE ION'
7 water water
#
_entity_poly.entity_id   1
_entity_poly.type   'polypeptide(L)'
_entity_poly.pdbx_seq_one_letter_code
;MGHHHHHHAENLYFQGADPFESYNPEFFLYDIFLKFCLKYIDGEICHDLFLLLGKYNILPYDTSNDSIYACTNIKHLDFI
NPFGVAAGFDKNGVCIDSILKLGFSFIEIGTITPRGQTGNAKPRIFRDVESRSIINSCGFNNMGCDKVTENLILFRKRQE
EDKLLSKHIVGVSIGKNKDTVNIVDDLKYCINKIGRYADYIAINVSSPNTPGLRDNQEAGKLKNIILSVKEEIDNLEKNN
IMNDEFLWFNTTKKKPLVFVKLAPDLNQEQKKEIADVLLETNIDGMIISNTTTQINDIKSFENKKGGVSGAKLKDISTKF
ICEMYNYTNKQIPIIASGGIFSGLDALEKIEAGASVCQLYSCLVFNGMKSAVQIKRELNHLLYQRGYYNLKEAIGRKHSK
S
;
_entity_poly.pdbx_strand_id   A
#
loop_
_chem_comp.id
_chem_comp.type
_chem_comp.name
_chem_comp.formula
2V6 non-polymer N-[3,5-difluoro-4-(trifluoromethyl)phenyl]-5-methyl-2-(trifluoromethyl)[1,2,4]triazolo[1,5-a]pyrimidin-7-amine 'C14 H7 F8 N5'
FMN non-polymer 'FLAVIN MONONUCLEOTIDE' 'C17 H21 N4 O9 P'
GOL non-polymer GLYCEROL 'C3 H8 O3'
ORO non-polymer 'OROTIC ACID' 'C5 H4 N2 O4'
SO4 non-polymer 'SULFATE ION' 'O4 S -2'
#
# COMPACT_ATOMS: atom_id res chain seq x y z
N TYR A 23 -6.44 -15.53 -18.35
CA TYR A 23 -6.80 -16.17 -19.61
C TYR A 23 -5.65 -17.02 -20.15
N ASN A 24 -4.43 -16.54 -19.96
CA ASN A 24 -3.22 -17.25 -20.33
C ASN A 24 -3.04 -18.52 -19.47
N PRO A 25 -2.38 -19.57 -20.11
CA PRO A 25 -2.21 -20.77 -19.27
C PRO A 25 -1.30 -20.65 -18.05
N GLU A 26 -0.29 -19.80 -18.08
CA GLU A 26 0.60 -19.68 -16.94
C GLU A 26 -0.18 -19.21 -15.74
N PHE A 27 -0.98 -18.21 -15.95
CA PHE A 27 -1.84 -17.72 -14.91
C PHE A 27 -2.84 -18.76 -14.49
N PHE A 28 -3.37 -19.50 -15.44
CA PHE A 28 -4.40 -20.46 -15.14
C PHE A 28 -3.93 -21.56 -14.22
N LEU A 29 -2.78 -22.12 -14.50
CA LEU A 29 -2.23 -23.15 -13.65
C LEU A 29 -1.87 -22.68 -12.26
N TYR A 30 -1.29 -21.50 -12.16
CA TYR A 30 -0.89 -20.99 -10.87
C TYR A 30 -2.09 -20.75 -10.02
N ASP A 31 -3.13 -20.25 -10.60
CA ASP A 31 -4.33 -20.00 -9.85
C ASP A 31 -5.03 -21.25 -9.30
N ILE A 32 -4.94 -22.36 -10.01
CA ILE A 32 -5.42 -23.62 -9.47
C ILE A 32 -4.61 -23.99 -8.26
N PHE A 33 -3.31 -23.86 -8.38
CA PHE A 33 -2.42 -24.19 -7.31
C PHE A 33 -2.71 -23.31 -6.13
N LEU A 34 -2.93 -22.03 -6.38
CA LEU A 34 -3.18 -21.10 -5.32
C LEU A 34 -4.46 -21.40 -4.60
N LYS A 35 -5.48 -21.77 -5.33
CA LYS A 35 -6.73 -22.18 -4.72
C LYS A 35 -6.57 -23.43 -3.87
N PHE A 36 -5.77 -24.35 -4.33
CA PHE A 36 -5.50 -25.55 -3.56
C PHE A 36 -4.83 -25.16 -2.28
N CYS A 37 -3.87 -24.25 -2.34
CA CYS A 37 -3.16 -23.81 -1.16
C CYS A 37 -4.10 -23.11 -0.21
N LEU A 38 -5.00 -22.34 -0.75
CA LEU A 38 -5.93 -21.63 0.05
C LEU A 38 -6.80 -22.60 0.84
N LYS A 39 -7.21 -23.68 0.19
CA LYS A 39 -7.99 -24.69 0.89
C LYS A 39 -7.20 -25.40 1.97
N TYR A 40 -5.99 -25.82 1.67
CA TYR A 40 -5.30 -26.72 2.58
C TYR A 40 -4.25 -26.19 3.55
N ILE A 41 -3.66 -25.05 3.22
CA ILE A 41 -2.42 -24.52 3.86
C ILE A 41 -2.60 -23.21 4.60
N ASP A 42 -1.90 -23.10 5.72
CA ASP A 42 -1.99 -21.92 6.58
C ASP A 42 -1.66 -20.64 5.72
N GLY A 43 -2.32 -19.53 5.98
CA GLY A 43 -2.22 -18.28 5.18
C GLY A 43 -0.81 -17.74 5.17
N GLU A 44 -0.22 -17.55 6.35
CA GLU A 44 1.15 -16.98 6.38
C GLU A 44 2.10 -17.84 5.65
N ILE A 45 1.95 -19.17 5.82
CA ILE A 45 2.85 -20.06 5.06
C ILE A 45 2.63 -19.93 3.52
N CYS A 46 1.37 -19.94 3.09
CA CYS A 46 1.07 -19.80 1.65
C CYS A 46 1.70 -18.44 1.18
N HIS A 47 1.43 -17.40 1.95
CA HIS A 47 1.94 -16.05 1.60
C HIS A 47 3.40 -16.15 1.33
N ASP A 48 4.16 -16.76 2.25
CA ASP A 48 5.57 -16.85 2.07
C ASP A 48 5.98 -17.75 0.99
N LEU A 49 5.20 -18.78 0.70
CA LEU A 49 5.60 -19.63 -0.44
C LEU A 49 5.51 -18.87 -1.80
N PHE A 50 4.47 -18.13 -1.98
CA PHE A 50 4.31 -17.38 -3.23
C PHE A 50 5.38 -16.22 -3.28
N LEU A 51 5.67 -15.62 -2.14
CA LEU A 51 6.82 -14.67 -2.11
C LEU A 51 8.08 -15.31 -2.54
N LEU A 52 8.34 -16.57 -2.10
CA LEU A 52 9.57 -17.25 -2.46
C LEU A 52 9.61 -17.64 -3.97
N LEU A 53 8.44 -18.01 -4.47
CA LEU A 53 8.36 -18.35 -5.93
C LEU A 53 8.61 -17.04 -6.76
N GLY A 54 8.15 -15.93 -6.25
CA GLY A 54 8.39 -14.61 -6.97
C GLY A 54 9.90 -14.22 -6.91
N LYS A 55 10.50 -14.52 -5.76
CA LYS A 55 11.93 -14.25 -5.53
C LYS A 55 12.76 -15.01 -6.55
N TYR A 56 12.35 -16.24 -6.83
CA TYR A 56 13.03 -17.04 -7.77
C TYR A 56 12.54 -16.80 -9.20
N ASN A 57 11.64 -15.84 -9.38
CA ASN A 57 11.32 -15.42 -10.76
C ASN A 57 10.58 -16.53 -11.51
N ILE A 58 9.66 -17.23 -10.86
CA ILE A 58 8.96 -18.25 -11.65
C ILE A 58 7.47 -18.01 -11.68
N LEU A 59 7.07 -16.78 -11.38
CA LEU A 59 5.73 -16.38 -11.51
C LEU A 59 5.53 -15.81 -12.96
N PRO A 60 4.26 -15.75 -13.40
CA PRO A 60 3.93 -15.19 -14.74
C PRO A 60 4.08 -13.64 -14.73
N TYR A 61 4.24 -13.08 -15.95
CA TYR A 61 4.34 -11.64 -16.18
C TYR A 61 3.10 -11.18 -16.95
N ASP A 62 2.61 -10.02 -16.56
CA ASP A 62 1.67 -9.29 -17.43
C ASP A 62 2.50 -8.37 -18.35
N THR A 63 2.66 -8.75 -19.63
CA THR A 63 3.46 -7.92 -20.51
C THR A 63 2.62 -6.96 -21.41
N SER A 64 1.34 -6.76 -21.07
N SER A 64 1.36 -6.77 -21.08
CA SER A 64 0.39 -5.99 -21.91
CA SER A 64 0.50 -5.98 -21.95
C SER A 64 0.56 -4.52 -21.63
C SER A 64 0.81 -4.50 -21.73
N ASN A 65 0.35 -3.66 -22.67
CA ASN A 65 0.48 -2.21 -22.53
C ASN A 65 -0.74 -1.85 -21.72
N ASP A 66 -0.61 -0.98 -20.75
CA ASP A 66 -1.75 -0.54 -20.00
C ASP A 66 -2.43 0.62 -20.80
N SER A 67 -3.74 0.75 -20.66
CA SER A 67 -4.49 1.76 -21.35
C SER A 67 -4.02 3.16 -20.97
N ILE A 68 -3.70 3.95 -22.00
CA ILE A 68 -3.35 5.34 -21.74
C ILE A 68 -4.49 6.08 -21.07
N TYR A 69 -5.72 5.62 -21.18
CA TYR A 69 -6.86 6.33 -20.53
C TYR A 69 -7.07 6.02 -19.01
N ALA A 70 -6.24 5.15 -18.43
CA ALA A 70 -6.34 4.79 -16.98
C ALA A 70 -5.04 5.07 -16.21
N CYS A 71 -4.14 5.83 -16.83
N CYS A 71 -4.09 5.78 -16.82
CA CYS A 71 -3.05 6.46 -16.11
CA CYS A 71 -2.98 6.28 -16.02
C CYS A 71 -3.53 7.39 -15.02
C CYS A 71 -3.49 7.32 -15.02
N THR A 72 -2.68 7.63 -14.03
CA THR A 72 -3.09 8.48 -12.95
C THR A 72 -1.87 9.05 -12.30
N ASN A 73 -2.04 10.01 -11.41
CA ASN A 73 -0.91 10.62 -10.77
C ASN A 73 -1.24 11.10 -9.39
N ILE A 74 -0.23 11.27 -8.57
CA ILE A 74 -0.39 11.96 -7.32
C ILE A 74 0.67 13.03 -7.35
N LYS A 75 0.26 14.30 -7.38
CA LYS A 75 1.21 15.37 -7.59
C LYS A 75 1.98 15.03 -8.87
N HIS A 76 3.29 15.09 -8.84
CA HIS A 76 4.08 14.76 -10.00
C HIS A 76 4.55 13.31 -10.06
N LEU A 77 4.04 12.46 -9.19
CA LEU A 77 4.34 11.05 -9.25
C LEU A 77 3.33 10.36 -10.14
N ASP A 78 3.79 9.77 -11.21
CA ASP A 78 2.91 9.24 -12.23
C ASP A 78 2.84 7.72 -12.24
N PHE A 79 1.64 7.19 -12.28
CA PHE A 79 1.41 5.77 -12.25
C PHE A 79 0.94 5.29 -13.61
N ILE A 80 1.60 4.29 -14.18
CA ILE A 80 1.23 3.80 -15.49
C ILE A 80 -0.13 3.13 -15.49
N ASN A 81 -0.62 2.69 -14.32
CA ASN A 81 -2.00 2.18 -14.27
C ASN A 81 -2.36 2.42 -12.78
N PRO A 82 -3.63 2.25 -12.42
CA PRO A 82 -3.99 2.74 -11.13
C PRO A 82 -4.01 1.64 -10.01
N PHE A 83 -3.30 0.55 -10.18
CA PHE A 83 -3.41 -0.53 -9.19
C PHE A 83 -2.03 -0.85 -8.65
N GLY A 84 -1.93 -0.82 -7.32
CA GLY A 84 -0.67 -1.18 -6.69
C GLY A 84 -0.92 -2.27 -5.61
N VAL A 85 0.16 -2.78 -5.04
CA VAL A 85 -0.01 -3.73 -3.88
C VAL A 85 0.21 -2.96 -2.56
N ALA A 86 -0.70 -3.17 -1.61
CA ALA A 86 -0.66 -2.47 -0.33
C ALA A 86 0.49 -2.89 0.51
N ALA A 87 0.71 -2.10 1.59
CA ALA A 87 1.84 -2.45 2.48
C ALA A 87 1.44 -3.76 3.30
N GLY A 88 2.43 -4.41 3.88
CA GLY A 88 2.21 -5.63 4.62
C GLY A 88 2.30 -6.85 3.70
N PHE A 89 2.27 -6.64 2.37
CA PHE A 89 2.33 -7.77 1.46
C PHE A 89 3.72 -8.25 1.33
N ASP A 90 4.63 -7.33 0.99
CA ASP A 90 5.98 -7.75 0.87
C ASP A 90 6.71 -6.82 1.88
N LYS A 91 6.58 -7.15 3.17
CA LYS A 91 7.12 -6.36 4.30
C LYS A 91 8.61 -6.10 4.12
N ASN A 92 9.37 -7.08 3.62
CA ASN A 92 10.78 -7.00 3.53
C ASN A 92 11.34 -6.70 2.15
N GLY A 93 10.49 -6.47 1.15
CA GLY A 93 11.10 -6.23 -0.18
C GLY A 93 11.84 -7.35 -0.79
N VAL A 94 11.34 -8.58 -0.65
CA VAL A 94 12.13 -9.69 -1.23
C VAL A 94 11.62 -10.18 -2.59
N CYS A 95 10.50 -9.64 -3.02
CA CYS A 95 9.74 -10.19 -4.17
C CYS A 95 9.23 -9.02 -5.02
N ILE A 96 9.92 -7.85 -5.01
CA ILE A 96 9.32 -6.63 -5.54
C ILE A 96 9.15 -6.78 -7.10
N ASP A 97 10.18 -7.27 -7.75
CA ASP A 97 10.17 -7.35 -9.21
C ASP A 97 9.08 -8.23 -9.70
N SER A 98 8.98 -9.42 -9.14
CA SER A 98 7.90 -10.37 -9.52
C SER A 98 6.51 -9.89 -9.26
N ILE A 99 6.28 -9.25 -8.11
CA ILE A 99 4.99 -8.70 -7.85
C ILE A 99 4.58 -7.57 -8.83
N LEU A 100 5.48 -6.63 -9.06
CA LEU A 100 5.15 -5.54 -10.05
C LEU A 100 4.87 -6.20 -11.40
N LYS A 101 5.69 -7.17 -11.75
CA LYS A 101 5.53 -7.82 -13.07
C LYS A 101 4.19 -8.61 -13.27
N LEU A 102 3.44 -8.81 -12.19
CA LEU A 102 2.07 -9.30 -12.29
C LEU A 102 1.12 -8.28 -12.93
N GLY A 103 1.55 -6.99 -13.14
CA GLY A 103 0.71 -6.01 -13.83
C GLY A 103 0.38 -4.80 -12.96
N PHE A 104 1.01 -4.79 -11.78
CA PHE A 104 0.85 -3.63 -10.88
C PHE A 104 1.75 -2.44 -11.31
N SER A 105 1.24 -1.21 -11.11
CA SER A 105 2.11 -0.06 -11.37
C SER A 105 3.02 0.26 -10.20
N PHE A 106 2.62 -0.15 -8.99
CA PHE A 106 3.46 0.16 -7.85
C PHE A 106 3.23 -0.84 -6.71
N ILE A 107 4.13 -0.77 -5.73
CA ILE A 107 3.97 -1.57 -4.49
C ILE A 107 4.53 -0.71 -3.34
N GLU A 108 3.86 -0.79 -2.20
CA GLU A 108 4.35 -0.23 -0.93
C GLU A 108 5.00 -1.30 -0.04
N ILE A 109 6.35 -1.40 0.00
CA ILE A 109 6.97 -2.36 0.91
C ILE A 109 6.91 -1.87 2.39
N GLY A 110 7.36 -2.71 3.30
CA GLY A 110 7.06 -2.47 4.70
C GLY A 110 5.71 -3.04 5.14
N THR A 111 5.22 -2.67 6.32
CA THR A 111 5.85 -1.57 7.15
C THR A 111 7.21 -1.97 7.72
N ILE A 112 8.23 -1.10 7.61
CA ILE A 112 9.52 -1.48 8.16
C ILE A 112 9.72 -0.70 9.49
N THR A 113 10.56 -1.26 10.36
CA THR A 113 10.97 -0.53 11.61
C THR A 113 12.50 -0.49 11.61
N PRO A 114 13.15 0.38 12.49
CA PRO A 114 14.61 0.48 12.47
C PRO A 114 15.32 -0.81 12.76
N ARG A 115 14.86 -1.53 13.78
CA ARG A 115 15.44 -2.84 14.12
C ARG A 115 14.47 -3.95 13.70
N GLY A 116 14.96 -5.11 13.33
CA GLY A 116 14.04 -6.16 12.92
C GLY A 116 13.22 -6.59 14.17
N GLN A 117 11.99 -7.08 13.95
CA GLN A 117 11.04 -7.55 14.99
C GLN A 117 10.43 -8.85 14.47
N THR A 118 10.21 -9.83 15.36
CA THR A 118 9.63 -11.13 15.00
C THR A 118 8.09 -11.03 14.84
N GLY A 119 7.51 -10.04 15.51
CA GLY A 119 6.06 -9.85 15.59
C GLY A 119 5.37 -10.82 16.56
N ASN A 120 4.04 -10.91 16.49
CA ASN A 120 3.25 -11.77 17.43
C ASN A 120 3.33 -13.27 17.16
N ALA A 121 3.00 -14.08 18.19
CA ALA A 121 2.99 -15.53 18.12
C ALA A 121 2.12 -16.00 16.92
N LYS A 122 2.66 -16.98 16.19
CA LYS A 122 1.93 -17.64 15.07
C LYS A 122 1.07 -18.82 15.57
N PRO A 123 -0.04 -19.16 14.85
CA PRO A 123 -0.50 -18.51 13.59
C PRO A 123 -1.12 -17.15 13.93
N ARG A 124 -0.94 -16.13 13.07
CA ARG A 124 -1.45 -14.80 13.44
C ARG A 124 -2.15 -14.16 12.23
N ILE A 125 -2.30 -14.93 11.14
CA ILE A 125 -3.22 -14.50 10.07
C ILE A 125 -4.24 -15.62 9.70
N PHE A 126 -5.51 -15.26 9.62
CA PHE A 126 -6.65 -16.16 9.22
C PHE A 126 -7.52 -15.59 8.08
N ARG A 127 -7.95 -16.41 7.15
CA ARG A 127 -8.89 -15.92 6.17
C ARG A 127 -10.26 -16.57 6.23
N ASP A 128 -11.27 -15.85 5.79
CA ASP A 128 -12.59 -16.44 5.83
C ASP A 128 -13.01 -16.39 4.37
N VAL A 129 -12.87 -17.52 3.67
CA VAL A 129 -13.12 -17.55 2.21
C VAL A 129 -14.51 -17.04 1.85
N GLU A 130 -15.49 -17.39 2.66
CA GLU A 130 -16.90 -17.04 2.38
C GLU A 130 -17.16 -15.54 2.30
N SER A 131 -16.61 -14.81 3.26
CA SER A 131 -16.84 -13.37 3.27
C SER A 131 -15.66 -12.64 2.53
N ARG A 132 -14.76 -13.41 1.94
CA ARG A 132 -13.50 -12.87 1.34
C ARG A 132 -12.82 -11.82 2.30
N SER A 133 -12.51 -12.27 3.50
CA SER A 133 -12.03 -11.41 4.53
C SER A 133 -10.85 -12.03 5.23
N ILE A 134 -10.03 -11.19 5.87
CA ILE A 134 -8.80 -11.64 6.49
C ILE A 134 -8.71 -10.96 7.83
N ILE A 135 -8.15 -11.64 8.84
CA ILE A 135 -7.88 -10.94 10.12
C ILE A 135 -6.43 -11.18 10.38
N ASN A 136 -5.66 -10.16 10.82
CA ASN A 136 -4.24 -10.47 11.11
C ASN A 136 -3.89 -9.75 12.38
N SER A 137 -2.99 -10.34 13.18
CA SER A 137 -2.33 -9.60 14.25
C SER A 137 -0.85 -9.88 14.14
N CYS A 138 -0.26 -9.42 13.05
CA CYS A 138 1.13 -9.76 12.69
C CYS A 138 2.10 -9.14 13.68
N GLY A 139 1.78 -7.90 14.07
CA GLY A 139 2.58 -7.06 15.00
C GLY A 139 3.88 -6.55 14.35
N PHE A 140 3.81 -6.04 13.10
CA PHE A 140 5.01 -5.47 12.45
C PHE A 140 6.22 -6.28 12.41
N ASN A 141 6.06 -7.56 12.07
CA ASN A 141 7.23 -8.40 11.90
C ASN A 141 7.95 -7.85 10.65
N ASN A 142 9.29 -7.76 10.64
CA ASN A 142 10.07 -7.31 9.49
C ASN A 142 11.55 -7.47 9.80
N MET A 143 12.36 -7.61 8.79
CA MET A 143 13.78 -7.73 8.98
C MET A 143 14.48 -6.44 9.47
N GLY A 144 13.78 -5.35 9.61
CA GLY A 144 14.51 -4.20 10.05
C GLY A 144 14.99 -3.35 8.86
N CYS A 145 14.99 -2.06 9.09
CA CYS A 145 15.37 -1.07 8.11
C CYS A 145 16.63 -1.38 7.36
N ASP A 146 17.71 -1.82 8.02
CA ASP A 146 18.95 -1.97 7.28
C ASP A 146 18.89 -3.11 6.25
N LYS A 147 18.29 -4.21 6.67
CA LYS A 147 18.27 -5.35 5.75
C LYS A 147 17.31 -5.00 4.58
N VAL A 148 16.20 -4.33 4.85
CA VAL A 148 15.22 -4.11 3.79
C VAL A 148 15.84 -3.06 2.86
N THR A 149 16.63 -2.11 3.41
CA THR A 149 17.28 -1.11 2.57
C THR A 149 18.20 -1.86 1.61
N GLU A 150 19.01 -2.77 2.11
CA GLU A 150 19.82 -3.55 1.17
C GLU A 150 18.93 -4.37 0.10
N ASN A 151 17.80 -4.91 0.50
CA ASN A 151 16.90 -5.55 -0.53
C ASN A 151 16.41 -4.54 -1.58
N LEU A 152 16.07 -3.31 -1.17
CA LEU A 152 15.54 -2.34 -2.06
C LEU A 152 16.62 -1.80 -3.04
N ILE A 153 17.86 -1.73 -2.51
CA ILE A 153 18.97 -1.32 -3.32
C ILE A 153 19.20 -2.32 -4.46
N LEU A 154 19.29 -3.62 -4.12
CA LEU A 154 19.40 -4.69 -5.12
C LEU A 154 18.23 -4.61 -6.13
N PHE A 155 17.03 -4.42 -5.65
CA PHE A 155 15.89 -4.13 -6.54
C PHE A 155 16.19 -2.93 -7.52
N ARG A 156 16.69 -1.79 -6.98
CA ARG A 156 16.97 -0.63 -7.83
C ARG A 156 18.00 -0.95 -8.89
N LYS A 157 19.06 -1.69 -8.54
CA LYS A 157 20.02 -2.14 -9.52
C LYS A 157 19.45 -3.07 -10.63
N ARG A 158 18.59 -4.00 -10.24
CA ARG A 158 17.93 -4.88 -11.17
C ARG A 158 17.03 -4.07 -12.08
N GLN A 159 16.38 -3.12 -11.50
CA GLN A 159 15.54 -2.29 -12.22
C GLN A 159 16.18 -1.54 -13.41
N GLU A 160 17.44 -1.15 -13.27
CA GLU A 160 18.11 -0.48 -14.34
C GLU A 160 18.28 -1.45 -15.52
N GLU A 161 18.20 -2.74 -15.24
CA GLU A 161 18.45 -3.71 -16.27
C GLU A 161 17.19 -4.42 -16.83
N ASP A 162 16.06 -4.21 -16.19
CA ASP A 162 14.85 -5.05 -16.38
C ASP A 162 13.87 -4.14 -16.99
N LYS A 163 13.73 -4.25 -18.32
CA LYS A 163 12.71 -3.46 -19.05
C LYS A 163 11.26 -3.49 -18.60
N LEU A 164 10.78 -4.58 -17.96
CA LEU A 164 9.43 -4.51 -17.45
C LEU A 164 9.27 -3.71 -16.15
N LEU A 165 10.39 -3.30 -15.54
CA LEU A 165 10.31 -2.54 -14.28
C LEU A 165 10.43 -1.03 -14.47
N SER A 166 10.66 -0.63 -15.72
CA SER A 166 10.72 0.76 -16.00
C SER A 166 9.46 1.52 -15.66
N LYS A 167 9.64 2.71 -15.07
CA LYS A 167 8.51 3.53 -14.59
C LYS A 167 7.62 2.95 -13.51
N HIS A 168 8.03 1.82 -12.94
CA HIS A 168 7.20 1.26 -11.81
C HIS A 168 7.68 1.91 -10.51
N ILE A 169 6.74 2.18 -9.62
CA ILE A 169 6.91 2.96 -8.42
C ILE A 169 7.07 2.00 -7.18
N VAL A 170 8.06 2.27 -6.34
CA VAL A 170 8.15 1.55 -5.02
C VAL A 170 8.07 2.59 -3.87
N GLY A 171 6.95 2.63 -3.15
CA GLY A 171 6.89 3.36 -1.86
C GLY A 171 7.37 2.47 -0.69
N VAL A 172 7.76 3.13 0.41
CA VAL A 172 8.23 2.42 1.63
C VAL A 172 7.36 2.87 2.79
N SER A 173 6.72 1.88 3.43
CA SER A 173 5.86 2.20 4.62
C SER A 173 6.83 2.12 5.79
N ILE A 174 6.78 3.13 6.67
CA ILE A 174 7.76 3.11 7.77
C ILE A 174 7.01 3.31 9.08
N GLY A 175 7.51 2.68 10.13
CA GLY A 175 6.75 2.74 11.42
C GLY A 175 7.70 2.72 12.61
N LYS A 176 7.15 2.57 13.81
CA LYS A 176 7.95 2.49 15.04
C LYS A 176 8.19 1.05 15.56
N ASN A 177 9.41 0.82 16.06
CA ASN A 177 9.62 -0.40 16.80
C ASN A 177 8.64 -0.40 18.02
N LYS A 178 8.23 -1.54 18.50
CA LYS A 178 7.14 -1.50 19.44
C LYS A 178 7.53 -0.72 20.69
N ASP A 179 8.75 -0.91 21.14
CA ASP A 179 9.21 -0.38 22.41
C ASP A 179 9.89 0.97 22.38
N THR A 180 9.65 1.77 21.35
CA THR A 180 10.45 2.93 21.02
C THR A 180 10.55 4.12 21.98
N VAL A 181 11.77 4.64 22.08
CA VAL A 181 12.08 5.87 22.79
C VAL A 181 11.45 7.11 22.17
N ASN A 182 11.48 7.18 20.87
CA ASN A 182 11.09 8.38 20.17
C ASN A 182 10.47 8.04 18.83
N ILE A 183 9.16 8.13 18.68
CA ILE A 183 8.56 7.62 17.46
C ILE A 183 9.19 8.33 16.29
N VAL A 184 9.30 9.62 16.42
CA VAL A 184 9.87 10.43 15.37
C VAL A 184 11.28 9.99 15.05
N ASP A 185 12.05 9.63 16.05
CA ASP A 185 13.42 9.23 15.84
C ASP A 185 13.48 7.99 15.00
N ASP A 186 12.56 7.07 15.21
CA ASP A 186 12.47 5.87 14.39
C ASP A 186 12.21 6.20 12.94
N LEU A 187 11.31 7.12 12.70
CA LEU A 187 11.04 7.50 11.35
C LEU A 187 12.27 8.11 10.71
N LYS A 188 13.01 8.95 11.42
CA LYS A 188 14.17 9.54 10.85
C LYS A 188 15.19 8.53 10.56
N TYR A 189 15.37 7.56 11.44
CA TYR A 189 16.37 6.57 11.17
C TYR A 189 16.02 5.87 9.81
N CYS A 190 14.75 5.48 9.60
CA CYS A 190 14.32 4.82 8.34
C CYS A 190 14.55 5.70 7.09
N ILE A 191 14.02 6.92 7.15
CA ILE A 191 14.30 7.91 6.10
C ILE A 191 15.76 8.04 5.72
N ASN A 192 16.61 8.18 6.74
CA ASN A 192 18.04 8.34 6.52
C ASN A 192 18.60 7.13 5.81
N LYS A 193 18.17 5.96 6.22
CA LYS A 193 18.61 4.77 5.55
C LYS A 193 18.09 4.48 4.13
N ILE A 194 16.80 4.61 3.91
CA ILE A 194 16.18 4.02 2.72
C ILE A 194 15.57 5.10 1.83
N GLY A 195 15.51 6.36 2.31
CA GLY A 195 14.80 7.43 1.60
C GLY A 195 15.31 7.67 0.18
N ARG A 196 16.60 7.41 -0.04
CA ARG A 196 17.20 7.71 -1.33
C ARG A 196 16.69 6.72 -2.41
N TYR A 197 16.02 5.63 -1.96
CA TYR A 197 15.66 4.48 -2.84
C TYR A 197 14.19 4.38 -2.95
N ALA A 198 13.51 5.30 -2.30
CA ALA A 198 12.06 5.32 -2.30
C ALA A 198 11.46 6.42 -3.14
N ASP A 199 10.47 6.07 -3.93
CA ASP A 199 9.60 7.01 -4.60
C ASP A 199 8.70 7.79 -3.69
N TYR A 200 8.19 7.12 -2.67
CA TYR A 200 7.37 7.74 -1.66
C TYR A 200 7.53 7.05 -0.35
N ILE A 201 7.16 7.73 0.73
CA ILE A 201 7.25 7.22 2.08
C ILE A 201 5.87 7.27 2.66
N ALA A 202 5.44 6.18 3.25
CA ALA A 202 4.14 6.16 3.88
C ALA A 202 4.35 6.07 5.37
N ILE A 203 3.71 6.97 6.09
CA ILE A 203 3.85 6.99 7.51
C ILE A 203 2.68 6.24 8.04
N ASN A 204 2.98 5.20 8.77
CA ASN A 204 1.97 4.34 9.33
C ASN A 204 1.89 4.47 10.82
N VAL A 205 0.87 5.18 11.27
CA VAL A 205 0.54 5.32 12.67
C VAL A 205 -0.77 4.59 12.92
N SER A 206 -1.19 3.77 11.96
CA SER A 206 -2.49 3.13 11.99
C SER A 206 -2.59 1.62 12.27
N SER A 207 -1.49 0.94 12.51
CA SER A 207 -1.63 -0.49 12.74
C SER A 207 -2.41 -0.73 14.00
N PRO A 208 -3.35 -1.64 13.92
CA PRO A 208 -4.12 -2.06 15.08
C PRO A 208 -3.17 -2.76 16.03
N ASN A 209 -2.15 -3.36 15.44
CA ASN A 209 -1.36 -4.37 16.10
C ASN A 209 -0.07 -4.04 16.83
N THR A 210 0.23 -2.76 16.99
CA THR A 210 1.26 -2.38 17.94
C THR A 210 0.62 -1.52 19.00
N PRO A 211 0.88 -1.93 20.32
CA PRO A 211 0.16 -1.14 21.32
C PRO A 211 0.57 0.32 21.27
N GLY A 212 -0.41 1.19 21.43
CA GLY A 212 -0.21 2.59 21.12
C GLY A 212 0.05 2.69 19.64
N LEU A 213 0.89 3.61 19.22
CA LEU A 213 1.10 3.84 17.80
C LEU A 213 -0.11 4.52 17.22
N ARG A 214 -1.25 3.90 17.37
CA ARG A 214 -2.49 4.41 16.84
C ARG A 214 -2.78 5.75 17.49
N ASP A 215 -2.37 5.88 18.73
CA ASP A 215 -2.54 7.13 19.46
C ASP A 215 -1.68 8.20 18.82
N ASN A 216 -0.78 7.78 17.95
CA ASN A 216 0.06 8.74 17.29
C ASN A 216 -0.70 9.51 16.23
N GLN A 217 -1.94 9.13 16.06
CA GLN A 217 -2.83 9.85 15.19
C GLN A 217 -3.41 11.06 15.90
N GLU A 218 -2.99 11.28 17.14
CA GLU A 218 -3.38 12.50 17.85
C GLU A 218 -2.80 13.67 17.11
N ALA A 219 -3.59 14.71 16.92
CA ALA A 219 -3.30 15.73 15.92
C ALA A 219 -2.02 16.51 16.11
N GLY A 220 -1.75 16.95 17.33
CA GLY A 220 -0.53 17.70 17.58
C GLY A 220 0.66 16.82 17.33
N LYS A 221 0.52 15.58 17.78
CA LYS A 221 1.53 14.56 17.62
C LYS A 221 1.75 14.24 16.16
N LEU A 222 0.68 14.21 15.41
CA LEU A 222 0.73 13.78 14.04
C LEU A 222 1.37 14.85 13.18
N LYS A 223 1.02 16.11 13.47
CA LYS A 223 1.59 17.27 12.77
C LYS A 223 3.11 17.25 12.96
N ASN A 224 3.57 16.99 14.17
CA ASN A 224 5.00 16.98 14.43
C ASN A 224 5.68 15.82 13.69
N ILE A 225 5.01 14.67 13.69
CA ILE A 225 5.46 13.51 12.92
C ILE A 225 5.63 13.90 11.45
N ILE A 226 4.59 14.46 10.84
CA ILE A 226 4.60 14.77 9.43
C ILE A 226 5.72 15.78 9.09
N LEU A 227 5.81 16.87 9.87
CA LEU A 227 6.87 17.86 9.67
C LEU A 227 8.23 17.29 10.00
N SER A 228 8.39 16.44 11.01
CA SER A 228 9.73 15.80 11.15
C SER A 228 10.17 15.01 9.90
N VAL A 229 9.20 14.30 9.30
CA VAL A 229 9.51 13.44 8.11
C VAL A 229 9.85 14.27 6.87
N LYS A 230 9.03 15.26 6.55
CA LYS A 230 9.36 16.10 5.40
C LYS A 230 10.71 16.72 5.55
N GLU A 231 11.13 16.90 6.81
CA GLU A 231 12.32 17.66 7.12
C GLU A 231 13.52 16.77 6.93
N GLU A 232 13.43 15.55 7.45
CA GLU A 232 14.48 14.54 7.23
C GLU A 232 14.69 14.27 5.74
N ILE A 233 13.60 14.26 4.97
CA ILE A 233 13.71 14.09 3.54
C ILE A 233 14.43 15.31 2.94
N ASP A 234 13.99 16.50 3.34
CA ASP A 234 14.65 17.77 2.92
C ASP A 234 16.14 17.75 3.21
N ASN A 235 16.51 17.25 4.37
CA ASN A 235 17.90 17.18 4.70
C ASN A 235 18.72 16.22 3.85
N LEU A 236 18.06 15.17 3.33
CA LEU A 236 18.73 14.21 2.43
C LEU A 236 19.18 14.97 1.20
N GLU A 237 18.32 15.84 0.72
CA GLU A 237 18.56 16.64 -0.51
C GLU A 237 19.80 17.57 -0.23
N LYS A 238 19.70 18.35 0.85
CA LYS A 238 20.74 19.26 1.35
C LYS A 238 22.08 18.57 1.53
N ASN A 239 22.15 17.66 2.51
CA ASN A 239 23.39 17.10 2.97
C ASN A 239 24.19 16.27 2.01
N ASN A 240 23.74 16.02 0.79
CA ASN A 240 24.73 15.42 -0.06
C ASN A 240 24.97 16.19 -1.35
N ILE A 241 26.15 15.98 -1.91
CA ILE A 241 26.64 16.87 -2.95
C ILE A 241 26.27 16.52 -4.36
N MET A 242 25.58 15.41 -4.57
CA MET A 242 25.32 14.95 -5.91
C MET A 242 24.12 15.59 -6.53
N ASN A 243 24.09 15.63 -7.83
CA ASN A 243 22.94 16.07 -8.54
C ASN A 243 21.85 15.03 -8.33
N ASP A 244 20.60 15.41 -8.57
CA ASP A 244 19.45 14.63 -8.22
C ASP A 244 19.49 13.29 -8.93
N GLU A 245 19.91 13.30 -10.14
CA GLU A 245 19.95 12.13 -10.96
C GLU A 245 20.79 11.10 -10.26
N PHE A 246 21.80 11.50 -9.52
CA PHE A 246 22.57 10.55 -8.78
C PHE A 246 22.18 10.43 -7.33
N LEU A 247 21.54 11.43 -6.81
CA LEU A 247 21.10 11.34 -5.45
C LEU A 247 19.95 10.36 -5.21
N TRP A 248 18.95 10.40 -6.07
CA TRP A 248 17.80 9.59 -5.88
C TRP A 248 17.90 8.38 -6.72
N PHE A 249 18.26 7.26 -6.13
CA PHE A 249 18.35 6.01 -6.83
C PHE A 249 16.99 5.37 -6.78
N ASN A 250 16.02 6.00 -7.40
CA ASN A 250 14.64 5.52 -7.31
C ASN A 250 14.05 5.67 -8.72
N THR A 251 12.73 5.68 -8.82
CA THR A 251 12.13 5.81 -10.13
C THR A 251 11.96 7.27 -10.59
N THR A 252 11.49 8.12 -9.68
CA THR A 252 11.25 9.51 -9.99
C THR A 252 12.57 10.32 -10.23
N LYS A 253 13.70 9.92 -9.66
CA LYS A 253 14.87 10.80 -9.61
C LYS A 253 14.55 12.07 -8.81
N LYS A 254 13.56 12.00 -7.93
CA LYS A 254 13.18 13.17 -7.11
C LYS A 254 13.08 12.67 -5.71
N LYS A 255 13.02 13.56 -4.74
CA LYS A 255 12.88 13.13 -3.37
C LYS A 255 11.52 12.50 -3.15
N PRO A 256 11.43 11.54 -2.25
CA PRO A 256 10.11 10.83 -2.10
C PRO A 256 9.03 11.75 -1.61
N LEU A 257 7.81 11.62 -2.14
CA LEU A 257 6.61 12.19 -1.59
C LEU A 257 6.31 11.55 -0.21
N VAL A 258 5.46 12.22 0.57
CA VAL A 258 5.16 11.84 1.92
C VAL A 258 3.65 11.61 1.99
N PHE A 259 3.25 10.40 2.38
CA PHE A 259 1.82 10.11 2.55
C PHE A 259 1.62 9.67 3.96
N VAL A 260 0.38 9.65 4.43
CA VAL A 260 0.17 9.08 5.74
C VAL A 260 -0.97 8.06 5.60
N LYS A 261 -0.85 6.93 6.30
CA LYS A 261 -1.91 5.89 6.26
C LYS A 261 -2.76 6.00 7.53
N LEU A 262 -4.08 6.08 7.32
CA LEU A 262 -5.04 6.29 8.37
C LEU A 262 -5.92 5.09 8.64
N ALA A 263 -6.04 4.74 9.92
CA ALA A 263 -6.96 3.72 10.38
C ALA A 263 -8.37 4.20 10.33
N PRO A 264 -9.34 3.23 10.02
CA PRO A 264 -10.68 3.78 9.83
C PRO A 264 -11.52 3.90 11.09
N ASP A 265 -10.99 3.49 12.23
CA ASP A 265 -11.74 3.53 13.45
C ASP A 265 -11.55 4.84 14.18
N LEU A 266 -12.23 5.90 13.77
CA LEU A 266 -12.05 7.22 14.34
C LEU A 266 -13.35 7.99 14.41
N ASN A 267 -13.38 9.01 15.26
CA ASN A 267 -14.49 9.97 15.33
C ASN A 267 -14.53 10.89 14.17
N GLN A 268 -15.70 11.43 13.94
CA GLN A 268 -15.85 12.47 12.98
C GLN A 268 -14.98 13.63 13.41
N GLU A 269 -14.96 13.92 14.70
CA GLU A 269 -14.15 15.00 15.19
C GLU A 269 -12.70 14.67 14.96
N GLN A 270 -12.35 13.42 15.20
CA GLN A 270 -10.97 13.02 15.01
C GLN A 270 -10.60 13.20 13.56
N LYS A 271 -11.50 12.80 12.69
CA LYS A 271 -11.25 12.90 11.29
C LYS A 271 -11.06 14.35 10.87
N LYS A 272 -11.88 15.24 11.38
CA LYS A 272 -11.81 16.64 11.03
C LYS A 272 -10.50 17.23 11.48
N GLU A 273 -10.09 16.86 12.65
CA GLU A 273 -8.81 17.29 13.20
C GLU A 273 -7.60 16.84 12.36
N ILE A 274 -7.62 15.56 12.00
CA ILE A 274 -6.59 15.00 11.16
C ILE A 274 -6.58 15.77 9.84
N ALA A 275 -7.75 15.93 9.22
CA ALA A 275 -7.88 16.69 7.98
C ALA A 275 -7.14 18.07 7.98
N ASP A 276 -7.23 18.78 9.09
CA ASP A 276 -6.67 20.10 9.25
C ASP A 276 -5.17 19.99 9.37
N VAL A 277 -4.68 19.04 10.15
CA VAL A 277 -3.23 18.75 10.18
C VAL A 277 -2.65 18.35 8.79
N LEU A 278 -3.38 17.51 8.05
CA LEU A 278 -3.00 17.21 6.65
C LEU A 278 -2.97 18.48 5.78
N LEU A 279 -4.00 19.33 5.90
CA LEU A 279 -4.00 20.60 5.16
C LEU A 279 -2.85 21.44 5.65
N GLU A 280 -2.71 21.60 6.97
CA GLU A 280 -1.69 22.50 7.51
C GLU A 280 -0.30 22.10 7.06
N THR A 281 -0.04 20.81 6.94
CA THR A 281 1.35 20.38 6.66
C THR A 281 1.59 20.13 5.17
N ASN A 282 0.57 20.34 4.33
CA ASN A 282 0.75 20.13 2.92
C ASN A 282 1.33 18.69 2.63
N ILE A 283 0.72 17.68 3.25
CA ILE A 283 1.10 16.27 3.02
C ILE A 283 0.80 15.95 1.54
N ASP A 284 1.60 15.09 0.90
CA ASP A 284 1.40 14.82 -0.54
C ASP A 284 0.25 13.89 -0.82
N GLY A 285 -0.14 13.11 0.18
CA GLY A 285 -1.30 12.25 0.04
C GLY A 285 -1.72 11.46 1.26
N MET A 286 -2.89 10.86 1.12
CA MET A 286 -3.31 10.02 2.22
C MET A 286 -3.82 8.69 1.76
N ILE A 287 -3.40 7.66 2.52
CA ILE A 287 -3.81 6.30 2.18
C ILE A 287 -5.01 5.95 3.04
N ILE A 288 -6.13 5.71 2.38
CA ILE A 288 -7.34 5.40 3.11
C ILE A 288 -7.90 4.06 2.62
N SER A 289 -7.90 3.00 3.47
CA SER A 289 -7.51 2.97 4.90
C SER A 289 -6.78 1.69 5.28
N ASN A 290 -6.30 1.64 6.53
CA ASN A 290 -5.78 0.45 7.14
C ASN A 290 -6.95 -0.46 7.58
N THR A 291 -6.63 -1.58 8.24
CA THR A 291 -7.66 -2.58 8.62
C THR A 291 -8.52 -2.05 9.79
N THR A 292 -9.70 -2.67 9.98
CA THR A 292 -10.65 -2.24 11.01
C THR A 292 -10.80 -3.29 12.15
N THR A 293 -11.04 -2.81 13.37
CA THR A 293 -11.30 -3.71 14.51
C THR A 293 -12.77 -3.71 14.82
N GLN A 294 -13.58 -3.27 13.87
CA GLN A 294 -15.01 -3.08 14.10
C GLN A 294 -15.90 -4.11 13.43
N ILE A 295 -15.30 -5.11 12.76
CA ILE A 295 -16.13 -6.18 12.20
C ILE A 295 -16.40 -7.23 13.27
N ASN A 296 -17.69 -7.52 13.52
CA ASN A 296 -18.08 -8.42 14.60
C ASN A 296 -18.81 -9.65 14.11
N ASP A 297 -19.04 -9.78 12.82
CA ASP A 297 -20.01 -10.77 12.36
C ASP A 297 -19.40 -11.79 11.45
N ILE A 298 -18.11 -12.01 11.56
CA ILE A 298 -17.52 -13.09 10.81
C ILE A 298 -17.30 -14.18 11.81
N LYS A 299 -18.00 -15.28 11.59
CA LYS A 299 -18.09 -16.33 12.58
C LYS A 299 -16.77 -16.95 12.84
N SER A 300 -16.02 -17.19 11.78
CA SER A 300 -14.78 -17.91 11.93
C SER A 300 -13.78 -17.07 12.65
N PHE A 301 -14.04 -15.79 12.76
CA PHE A 301 -13.12 -14.89 13.40
C PHE A 301 -13.44 -14.61 14.86
N GLU A 302 -14.40 -15.34 15.42
CA GLU A 302 -14.83 -15.06 16.79
C GLU A 302 -13.69 -15.22 17.77
N ASN A 303 -12.85 -16.21 17.55
CA ASN A 303 -11.71 -16.49 18.41
C ASN A 303 -10.84 -15.26 18.40
N LYS A 304 -10.73 -14.65 17.24
CA LYS A 304 -9.58 -13.88 16.82
C LYS A 304 -9.39 -12.42 17.23
N LYS A 305 -8.13 -12.05 17.38
CA LYS A 305 -7.69 -10.70 17.63
C LYS A 305 -7.02 -10.11 16.39
N GLY A 306 -7.28 -8.85 16.10
CA GLY A 306 -6.57 -8.18 15.03
C GLY A 306 -7.41 -7.30 14.16
N GLY A 307 -6.86 -6.92 13.03
CA GLY A 307 -7.54 -6.06 12.09
C GLY A 307 -8.05 -6.81 10.90
N VAL A 308 -9.25 -6.50 10.51
CA VAL A 308 -9.91 -7.18 9.41
C VAL A 308 -9.73 -6.35 8.10
N SER A 309 -9.51 -7.09 7.03
CA SER A 309 -9.20 -6.69 5.67
C SER A 309 -10.23 -7.40 4.81
N GLY A 310 -10.37 -6.94 3.56
CA GLY A 310 -11.18 -7.68 2.57
C GLY A 310 -12.55 -7.13 2.38
N ALA A 311 -13.47 -7.97 1.91
CA ALA A 311 -14.77 -7.49 1.40
C ALA A 311 -15.53 -6.72 2.45
N LYS A 312 -15.39 -7.14 3.69
CA LYS A 312 -16.19 -6.59 4.77
C LYS A 312 -15.63 -5.25 5.23
N LEU A 313 -14.50 -4.85 4.67
CA LEU A 313 -13.95 -3.55 4.92
C LEU A 313 -14.32 -2.53 3.86
N LYS A 314 -14.87 -2.96 2.74
CA LYS A 314 -14.96 -2.12 1.58
C LYS A 314 -15.80 -0.88 1.75
N ASP A 315 -16.96 -1.03 2.35
CA ASP A 315 -17.88 0.11 2.56
C ASP A 315 -17.38 1.11 3.58
N ILE A 316 -16.86 0.61 4.69
CA ILE A 316 -16.27 1.44 5.69
C ILE A 316 -15.16 2.28 5.06
N SER A 317 -14.29 1.64 4.29
CA SER A 317 -13.13 2.28 3.68
C SER A 317 -13.67 3.34 2.68
N THR A 318 -14.69 3.00 1.91
CA THR A 318 -15.22 3.91 0.87
C THR A 318 -15.82 5.19 1.49
N LYS A 319 -16.62 4.99 2.55
CA LYS A 319 -17.26 6.11 3.28
C LYS A 319 -16.14 7.02 3.82
N PHE A 320 -15.08 6.39 4.32
CA PHE A 320 -13.98 7.10 4.93
C PHE A 320 -13.26 7.98 3.87
N ILE A 321 -13.13 7.43 2.66
CA ILE A 321 -12.61 8.19 1.51
C ILE A 321 -13.48 9.45 1.29
N CYS A 322 -14.80 9.26 1.13
N CYS A 322 -14.80 9.26 1.13
CA CYS A 322 -15.75 10.38 0.98
CA CYS A 322 -15.73 10.40 0.96
C CYS A 322 -15.52 11.45 2.03
C CYS A 322 -15.53 11.46 2.03
N GLU A 323 -15.66 11.06 3.30
CA GLU A 323 -15.40 11.96 4.43
C GLU A 323 -14.08 12.75 4.30
N MET A 324 -12.92 12.07 4.08
CA MET A 324 -11.65 12.81 4.11
C MET A 324 -11.43 13.75 2.91
N TYR A 325 -11.94 13.33 1.76
CA TYR A 325 -11.94 14.11 0.54
C TYR A 325 -12.72 15.42 0.85
N ASN A 326 -13.93 15.24 1.40
CA ASN A 326 -14.78 16.37 1.81
C ASN A 326 -14.03 17.22 2.80
N TYR A 327 -13.62 16.63 3.91
CA TYR A 327 -13.00 17.37 4.98
C TYR A 327 -11.78 18.08 4.51
N THR A 328 -11.04 17.52 3.56
CA THR A 328 -9.81 18.14 3.09
C THR A 328 -10.02 19.02 1.88
N ASN A 329 -11.28 19.20 1.50
CA ASN A 329 -11.65 20.10 0.41
C ASN A 329 -11.05 19.71 -0.90
N LYS A 330 -10.91 18.41 -1.11
CA LYS A 330 -10.46 17.88 -2.36
C LYS A 330 -9.03 18.26 -2.63
N GLN A 331 -8.31 18.66 -1.60
CA GLN A 331 -6.96 19.17 -1.80
C GLN A 331 -5.86 18.15 -1.64
N ILE A 332 -6.19 17.01 -1.06
CA ILE A 332 -5.20 15.99 -0.80
C ILE A 332 -5.52 14.74 -1.58
N PRO A 333 -4.48 14.26 -2.39
CA PRO A 333 -4.83 13.05 -3.15
C PRO A 333 -5.00 11.84 -2.25
N ILE A 334 -5.87 10.93 -2.63
CA ILE A 334 -6.14 9.74 -1.86
C ILE A 334 -5.64 8.46 -2.54
N ILE A 335 -5.04 7.59 -1.77
CA ILE A 335 -4.72 6.27 -2.25
C ILE A 335 -5.70 5.34 -1.57
N ALA A 336 -6.49 4.64 -2.33
CA ALA A 336 -7.53 3.80 -1.76
C ALA A 336 -7.09 2.42 -1.35
N SER A 337 -7.50 2.00 -0.17
CA SER A 337 -7.25 0.65 0.28
C SER A 337 -8.45 0.09 1.01
N GLY A 338 -8.81 -1.14 0.71
CA GLY A 338 -9.84 -1.81 1.44
C GLY A 338 -10.98 -2.41 0.65
N GLY A 339 -10.99 -3.71 0.62
CA GLY A 339 -12.00 -4.44 -0.09
C GLY A 339 -12.12 -4.21 -1.58
N ILE A 340 -11.02 -4.01 -2.27
CA ILE A 340 -11.12 -3.81 -3.70
C ILE A 340 -10.85 -5.11 -4.43
N PHE A 341 -11.87 -5.65 -5.07
CA PHE A 341 -11.72 -6.89 -5.80
C PHE A 341 -11.98 -6.76 -7.30
N SER A 342 -12.86 -5.87 -7.67
CA SER A 342 -13.40 -5.80 -9.01
C SER A 342 -13.28 -4.42 -9.60
N GLY A 343 -13.39 -4.30 -10.92
CA GLY A 343 -13.42 -2.98 -11.57
C GLY A 343 -14.43 -2.07 -10.92
N LEU A 344 -15.60 -2.63 -10.61
CA LEU A 344 -16.64 -1.84 -9.92
C LEU A 344 -16.20 -1.28 -8.57
N ASP A 345 -15.49 -2.11 -7.80
CA ASP A 345 -15.05 -1.70 -6.45
C ASP A 345 -14.10 -0.58 -6.64
N ALA A 346 -13.24 -0.71 -7.63
CA ALA A 346 -12.25 0.35 -7.91
C ALA A 346 -12.84 1.65 -8.37
N LEU A 347 -13.78 1.57 -9.31
CA LEU A 347 -14.59 2.75 -9.75
C LEU A 347 -15.28 3.45 -8.55
N GLU A 348 -15.88 2.67 -7.63
CA GLU A 348 -16.44 3.28 -6.39
C GLU A 348 -15.38 4.04 -5.61
N LYS A 349 -14.17 3.47 -5.47
CA LYS A 349 -13.14 4.16 -4.70
C LYS A 349 -12.79 5.47 -5.36
N ILE A 350 -12.69 5.42 -6.69
CA ILE A 350 -12.22 6.53 -7.51
C ILE A 350 -13.28 7.67 -7.50
N GLU A 351 -14.52 7.30 -7.79
CA GLU A 351 -15.65 8.21 -7.66
C GLU A 351 -15.86 8.77 -6.26
N ALA A 352 -15.41 8.08 -5.22
CA ALA A 352 -15.49 8.67 -3.88
C ALA A 352 -14.41 9.70 -3.68
N GLY A 353 -13.42 9.73 -4.60
CA GLY A 353 -12.24 10.60 -4.44
C GLY A 353 -10.82 10.02 -4.54
N ALA A 354 -10.67 8.72 -4.74
CA ALA A 354 -9.28 8.16 -4.75
C ALA A 354 -8.66 8.42 -6.12
N SER A 355 -7.35 8.66 -6.15
CA SER A 355 -6.66 8.79 -7.42
C SER A 355 -6.09 7.42 -7.82
N VAL A 356 -5.87 6.53 -6.84
CA VAL A 356 -5.12 5.27 -7.18
C VAL A 356 -5.64 4.20 -6.15
N CYS A 357 -5.50 2.91 -6.46
CA CYS A 357 -6.05 1.82 -5.61
C CYS A 357 -4.92 0.87 -5.20
N GLN A 358 -5.03 0.26 -4.05
CA GLN A 358 -4.10 -0.75 -3.63
C GLN A 358 -4.84 -2.05 -3.34
N LEU A 359 -4.24 -3.17 -3.67
CA LEU A 359 -4.83 -4.47 -3.47
C LEU A 359 -4.06 -5.26 -2.42
N TYR A 360 -4.75 -6.06 -1.64
CA TYR A 360 -4.14 -7.05 -0.78
C TYR A 360 -4.96 -8.35 -0.77
N SER A 361 -6.14 -8.27 -0.19
CA SER A 361 -7.02 -9.43 -0.01
C SER A 361 -7.34 -10.05 -1.36
N CYS A 362 -7.50 -9.22 -2.35
CA CYS A 362 -7.86 -9.70 -3.66
C CYS A 362 -6.84 -10.70 -4.15
N LEU A 363 -5.57 -10.47 -3.92
CA LEU A 363 -4.56 -11.41 -4.31
C LEU A 363 -4.71 -12.74 -3.58
N VAL A 364 -5.09 -12.68 -2.31
CA VAL A 364 -5.28 -13.89 -1.56
C VAL A 364 -6.42 -14.75 -2.08
N PHE A 365 -7.54 -14.16 -2.38
CA PHE A 365 -8.71 -14.93 -2.81
C PHE A 365 -8.76 -15.16 -4.32
N ASN A 366 -8.39 -14.17 -5.12
CA ASN A 366 -8.44 -14.26 -6.56
C ASN A 366 -7.16 -14.65 -7.25
N GLY A 367 -6.05 -14.53 -6.56
CA GLY A 367 -4.79 -14.94 -7.11
C GLY A 367 -4.04 -14.00 -8.04
N MET A 368 -3.14 -14.60 -8.76
CA MET A 368 -2.16 -13.96 -9.58
C MET A 368 -2.64 -13.11 -10.74
N LYS A 369 -3.80 -13.42 -11.24
CA LYS A 369 -4.41 -12.72 -12.34
C LYS A 369 -5.04 -11.43 -11.88
N SER A 370 -5.07 -11.19 -10.59
CA SER A 370 -5.86 -10.03 -10.12
C SER A 370 -5.63 -8.68 -10.81
N ALA A 371 -4.36 -8.34 -11.12
CA ALA A 371 -4.08 -7.00 -11.70
C ALA A 371 -4.56 -7.00 -13.17
N VAL A 372 -4.26 -8.06 -13.89
CA VAL A 372 -4.75 -8.20 -15.28
C VAL A 372 -6.28 -8.05 -15.31
N GLN A 373 -6.97 -8.86 -14.52
CA GLN A 373 -8.44 -8.83 -14.55
C GLN A 373 -9.04 -7.47 -14.10
N ILE A 374 -8.51 -6.90 -13.01
CA ILE A 374 -9.15 -5.69 -12.52
C ILE A 374 -8.88 -4.49 -13.48
N LYS A 375 -7.70 -4.43 -14.11
CA LYS A 375 -7.34 -3.38 -15.09
C LYS A 375 -8.37 -3.42 -16.25
N ARG A 376 -8.58 -4.61 -16.79
CA ARG A 376 -9.58 -4.88 -17.85
C ARG A 376 -10.96 -4.48 -17.43
N GLU A 377 -11.39 -4.93 -16.27
CA GLU A 377 -12.70 -4.56 -15.74
C GLU A 377 -12.87 -3.06 -15.57
N LEU A 378 -11.88 -2.36 -14.99
CA LEU A 378 -12.01 -0.93 -14.84
C LEU A 378 -12.10 -0.19 -16.23
N ASN A 379 -11.32 -0.63 -17.20
CA ASN A 379 -11.34 0.00 -18.49
C ASN A 379 -12.70 -0.11 -19.17
N HIS A 380 -13.30 -1.28 -19.10
CA HIS A 380 -14.59 -1.48 -19.70
C HIS A 380 -15.59 -0.60 -19.02
N LEU A 381 -15.52 -0.57 -17.72
CA LEU A 381 -16.45 0.21 -16.94
C LEU A 381 -16.32 1.67 -17.23
N LEU A 382 -15.12 2.14 -17.39
CA LEU A 382 -14.89 3.54 -17.63
C LEU A 382 -15.55 3.89 -18.94
N TYR A 383 -15.45 2.97 -19.88
CA TYR A 383 -16.07 3.18 -21.18
C TYR A 383 -17.58 3.19 -21.12
N GLN A 384 -18.15 2.26 -20.40
CA GLN A 384 -19.59 2.15 -20.29
C GLN A 384 -20.22 3.34 -19.63
N ARG A 385 -19.57 3.90 -18.65
CA ARG A 385 -20.14 4.98 -17.89
C ARG A 385 -19.89 6.25 -18.66
N GLY A 386 -19.20 6.10 -19.77
CA GLY A 386 -18.91 7.21 -20.63
C GLY A 386 -17.90 8.24 -20.14
N TYR A 387 -16.91 7.80 -19.37
CA TYR A 387 -15.77 8.64 -18.98
C TYR A 387 -14.71 8.62 -20.07
N TYR A 388 -14.09 9.77 -20.37
CA TYR A 388 -12.98 9.80 -21.38
C TYR A 388 -11.69 9.16 -20.82
N ASN A 389 -11.37 9.49 -19.56
CA ASN A 389 -10.26 8.83 -18.87
C ASN A 389 -10.55 8.66 -17.37
N LEU A 390 -9.61 8.03 -16.65
CA LEU A 390 -9.84 7.76 -15.26
C LEU A 390 -9.83 9.05 -14.47
N LYS A 391 -8.93 9.99 -14.81
CA LYS A 391 -8.80 11.25 -14.04
C LYS A 391 -10.12 12.02 -14.01
N GLU A 392 -10.90 11.91 -15.07
CA GLU A 392 -12.22 12.52 -15.15
C GLU A 392 -13.18 11.96 -14.09
N ALA A 393 -12.95 10.75 -13.61
CA ALA A 393 -13.88 10.16 -12.68
C ALA A 393 -13.58 10.42 -11.23
N ILE A 394 -12.39 10.89 -10.94
CA ILE A 394 -12.00 11.07 -9.57
C ILE A 394 -12.90 12.06 -8.88
N GLY A 395 -13.56 11.60 -7.82
CA GLY A 395 -14.32 12.47 -6.98
C GLY A 395 -15.70 12.81 -7.46
N ARG A 396 -16.18 12.16 -8.50
CA ARG A 396 -17.48 12.51 -9.03
C ARG A 396 -18.50 11.83 -8.16
N LYS A 397 -18.46 12.20 -6.89
CA LYS A 397 -19.26 11.59 -5.84
C LYS A 397 -19.68 10.15 -6.10
F8 2V6 B . -1.29 -14.15 -5.18
C5 2V6 B . -0.50 -14.20 -4.11
C6 2V6 B . -1.00 -14.53 -2.84
C4 2V6 B . 0.88 -13.79 -4.25
C7 2V6 B . 1.39 -13.35 -5.62
F3 2V6 B . 2.07 -12.26 -5.50
F2 2V6 B . 2.20 -14.17 -6.17
F1 2V6 B . 0.48 -13.16 -6.54
C3 2V6 B . 1.70 -13.76 -3.12
F7 2V6 B . 3.00 -13.47 -3.25
C2 2V6 B . 1.26 -14.18 -1.89
C1 2V6 B . -0.11 -14.56 -1.77
N1 2V6 B . -0.49 -14.80 -0.50
C8 2V6 B . -1.54 -15.53 0.00
C9 2V6 B . -1.90 -16.67 -0.85
C10 2V6 B . -2.87 -17.63 -0.37
C13 2V6 B . -3.35 -18.82 -1.22
N2 2V6 B . -1.97 -15.56 1.27
C11 2V6 B . -2.88 -16.48 1.68
N3 2V6 B . -3.34 -17.48 0.90
N5 2V6 B . -1.70 -14.63 2.18
C12 2V6 B . -2.53 -15.01 3.11
N4 2V6 B . -3.23 -16.14 2.91
C14 2V6 B . -2.44 -14.25 4.37
F6 2V6 B . -3.49 -13.54 4.53
F4 2V6 B . -1.44 -13.42 4.34
F5 2V6 B . -2.16 -15.08 5.32
N1 FMN C . -0.79 -2.13 6.33
C2 FMN C . 0.35 -1.37 6.59
O2 FMN C . 0.27 -0.11 6.44
N3 FMN C . 1.50 -1.92 6.99
C4 FMN C . 1.67 -3.25 7.18
O4 FMN C . 2.79 -3.73 7.50
C4A FMN C . 0.48 -4.13 6.96
N5 FMN C . 0.54 -5.47 7.12
C5A FMN C . -0.52 -6.27 6.79
C6 FMN C . -0.42 -7.67 6.98
C7 FMN C . -1.49 -8.48 6.62
C7M FMN C . -1.41 -10.00 6.80
C8 FMN C . -2.71 -7.84 6.11
C8M FMN C . -3.91 -8.65 5.73
C9 FMN C . -2.83 -6.48 6.00
C9A FMN C . -1.76 -5.66 6.28
N10 FMN C . -1.88 -4.24 6.14
C10 FMN C . -0.76 -3.47 6.47
C1' FMN C . -3.10 -3.58 5.70
C2' FMN C . -3.09 -3.54 4.14
O2' FMN C . -1.91 -2.80 3.67
C3' FMN C . -4.41 -3.01 3.63
O3' FMN C . -4.70 -1.65 3.99
C4' FMN C . -5.66 -3.81 4.15
O4' FMN C . -5.47 -5.21 3.99
C5' FMN C . -6.90 -3.39 3.41
O5' FMN C . -6.85 -3.83 2.07
P FMN C . -7.64 -5.16 1.45
O1P FMN C . -6.89 -6.34 1.97
O2P FMN C . -7.44 -5.09 -0.06
O3P FMN C . -9.07 -4.98 1.96
N1 ORO D . -1.51 -5.24 10.45
C2 ORO D . -2.39 -4.39 9.88
O2 ORO D . -3.57 -4.73 9.68
N3 ORO D . -2.06 -3.08 9.55
C4 ORO D . -0.79 -2.65 9.79
O4 ORO D . -0.49 -1.47 9.53
C5 ORO D . 0.15 -3.50 10.32
C6 ORO D . -0.21 -4.84 10.64
C7 ORO D . 0.76 -5.73 11.36
O71 ORO D . 2.01 -5.79 11.19
O72 ORO D . 0.19 -6.35 12.30
C1 GOL E . 20.34 20.01 -6.04
O1 GOL E . 21.36 19.95 -5.00
C2 GOL E . 20.69 19.75 -7.50
O2 GOL E . 22.08 19.43 -7.73
C3 GOL E . 19.65 18.87 -8.26
O3 GOL E . 20.14 18.19 -9.45
S SO4 F . 7.21 -17.45 -20.89
O1 SO4 F . 7.81 -18.80 -20.83
O2 SO4 F . 6.34 -17.23 -19.77
O3 SO4 F . 8.26 -16.46 -20.92
O4 SO4 F . 6.40 -17.25 -22.08
S SO4 G . 3.05 -14.39 -20.18
O1 SO4 G . 3.91 -14.85 -19.04
O2 SO4 G . 1.72 -14.06 -19.67
O3 SO4 G . 3.59 -13.18 -20.79
O4 SO4 G . 2.85 -15.36 -21.22
#